data_2QZU
#
_entry.id   2QZU
#
_cell.length_a   65.894
_cell.length_b   82.336
_cell.length_c   89.359
_cell.angle_alpha   90.00
_cell.angle_beta   90.00
_cell.angle_gamma   90.00
#
_symmetry.space_group_name_H-M   'P 21 21 21'
#
loop_
_entity.id
_entity.type
_entity.pdbx_description
1 polymer 'Putative sulfatase yidJ'
2 water water
#
_entity_poly.entity_id   1
_entity_poly.type   'polypeptide(L)'
_entity_poly.pdbx_seq_one_letter_code
;(MSE)KNIIPQALLT(MSE)PILSTGLQAQEKQPTPNLVFI(MSE)ADQYRGDAIGCIGKEPVKTPHLDKLASEGINFTN
AISSYPVSSPARG(MSE)L(MSE)TG(MSE)YPIGSKVTGNCNSETAPYGVELSQNARCWSDVLKDQGYN(MSE)GYIGK
WHLDAPYKPYVDTYNNRGKVAWNEWCPPERRHGFDHWIAYGTYDYHLKP(MSE)YWNTTAPRDSFYYVNQWGPEYEASKA
IEYINGQKDQKQPFALVVS(MSE)NPPHTGYELVPDRYKEIYKDLDVEALCKGRPDIPAKGTE(MSE)GDYFRNNIRNYY
ACITGVDENVGRIIEALKQNNLFDNTIVVFTSDHGIC(MSE)GAHENAGKDIFYEES(MSE)RIP(MSE)ILSWPDQIKP
RKSDPL(MSE)IAFADLYPTLLS(MSE)(MSE)GFSKEIPETVQTFDLSNEVLTGKNKKDLVQPYYFVKFDNHATGYRGL
RTDRYTYAVHATDGKIDNVILFDRTNDPHE(MSE)NNIASQQLKLTHTFNRQLKTWLEKTNDPFAQYIKLKLEHHHHHH
;
_entity_poly.pdbx_strand_id   A
#
# COMPACT_ATOMS: atom_id res chain seq x y z
N GLY A 18 24.17 29.10 -13.34
CA GLY A 18 22.75 28.78 -13.06
C GLY A 18 22.39 29.01 -11.61
N LEU A 19 22.85 30.13 -11.05
CA LEU A 19 22.58 30.46 -9.66
C LEU A 19 21.24 31.19 -9.50
N GLN A 20 20.82 31.87 -10.57
CA GLN A 20 19.58 32.61 -10.57
C GLN A 20 18.37 31.68 -10.52
N ALA A 21 17.31 32.13 -9.85
CA ALA A 21 16.09 31.35 -9.74
C ALA A 21 15.43 31.30 -11.11
N GLN A 22 15.00 30.12 -11.52
CA GLN A 22 14.34 30.01 -12.82
C GLN A 22 12.88 29.62 -12.65
N GLU A 23 12.15 29.72 -13.75
CA GLU A 23 10.75 29.42 -13.79
C GLU A 23 10.34 28.09 -13.17
N LYS A 24 9.31 28.16 -12.33
CA LYS A 24 8.77 27.00 -11.65
C LYS A 24 8.00 26.17 -12.67
N GLN A 25 8.10 24.85 -12.57
CA GLN A 25 7.38 23.99 -13.49
C GLN A 25 5.88 24.17 -13.23
N PRO A 26 5.05 24.12 -14.29
CA PRO A 26 3.59 24.29 -14.13
C PRO A 26 2.86 23.11 -13.47
N THR A 27 3.56 21.99 -13.31
CA THR A 27 2.98 20.81 -12.66
C THR A 27 4.02 20.33 -11.65
N PRO A 28 3.57 19.81 -10.50
CA PRO A 28 4.49 19.34 -9.45
C PRO A 28 5.18 17.99 -9.65
N ASN A 29 6.24 17.78 -8.87
CA ASN A 29 6.98 16.52 -8.90
C ASN A 29 6.21 15.59 -7.98
N LEU A 30 6.60 14.32 -7.97
CA LEU A 30 5.95 13.34 -7.12
C LEU A 30 6.96 12.37 -6.57
N VAL A 31 6.95 12.20 -5.25
CA VAL A 31 7.83 11.25 -4.60
C VAL A 31 6.86 10.36 -3.83
N PHE A 32 6.63 9.18 -4.36
CA PHE A 32 5.70 8.23 -3.78
C PHE A 32 6.47 7.19 -2.99
N ILE A 33 6.37 7.27 -1.68
CA ILE A 33 7.07 6.35 -0.80
C ILE A 33 6.09 5.39 -0.14
N MSE A 34 6.44 4.11 -0.15
CA MSE A 34 5.58 3.13 0.50
C MSE A 34 6.44 2.07 1.15
O MSE A 34 7.54 1.77 0.70
CB MSE A 34 4.60 2.50 -0.50
CG MSE A 34 5.24 1.70 -1.63
SE MSE A 34 3.89 0.94 -2.79
CE MSE A 34 4.61 1.47 -4.50
N ALA A 35 5.95 1.54 2.27
CA ALA A 35 6.64 0.51 3.00
C ALA A 35 5.62 -0.61 3.08
N ASP A 36 6.02 -1.81 2.68
CA ASP A 36 5.12 -2.94 2.67
C ASP A 36 4.69 -3.42 4.06
N GLN A 37 3.42 -3.78 4.18
CA GLN A 37 2.88 -4.32 5.42
C GLN A 37 2.96 -3.39 6.62
N TYR A 38 2.74 -2.11 6.38
CA TYR A 38 2.79 -1.07 7.42
C TYR A 38 1.38 -0.73 7.91
N ARG A 39 1.11 -0.99 9.19
CA ARG A 39 -0.22 -0.70 9.78
C ARG A 39 -0.46 0.80 9.96
N GLY A 40 -1.67 1.23 9.65
CA GLY A 40 -2.01 2.64 9.77
C GLY A 40 -1.85 3.25 11.15
N ASP A 41 -2.17 2.51 12.21
CA ASP A 41 -2.05 3.06 13.56
C ASP A 41 -0.63 3.03 14.11
N ALA A 42 0.31 2.45 13.36
CA ALA A 42 1.68 2.37 13.83
C ALA A 42 2.48 3.62 13.45
N ILE A 43 1.90 4.78 13.74
CA ILE A 43 2.54 6.07 13.48
C ILE A 43 2.52 6.78 14.83
N GLY A 44 3.68 7.26 15.25
CA GLY A 44 3.77 7.92 16.54
C GLY A 44 2.81 9.05 16.83
N CYS A 45 2.66 9.97 15.88
CA CYS A 45 1.77 11.12 16.07
C CYS A 45 0.30 10.77 16.22
N ILE A 46 -0.09 9.55 15.89
CA ILE A 46 -1.48 9.13 16.03
C ILE A 46 -1.79 8.84 17.50
N GLY A 47 -0.73 8.66 18.28
CA GLY A 47 -0.86 8.43 19.71
C GLY A 47 -1.55 7.18 20.23
N LYS A 48 -1.63 6.14 19.41
CA LYS A 48 -2.26 4.89 19.83
C LYS A 48 -1.25 3.82 20.23
N GLU A 49 -0.04 3.90 19.65
CA GLU A 49 1.01 2.92 19.95
C GLU A 49 2.33 3.62 20.21
N PRO A 50 3.17 3.04 21.08
CA PRO A 50 4.46 3.65 21.41
C PRO A 50 5.58 3.40 20.40
N VAL A 51 5.25 3.50 19.11
CA VAL A 51 6.26 3.30 18.08
C VAL A 51 6.84 4.67 17.75
N LYS A 52 8.16 4.72 17.55
CA LYS A 52 8.84 5.98 17.24
C LYS A 52 9.03 6.21 15.75
N THR A 53 8.40 7.27 15.25
CA THR A 53 8.48 7.65 13.84
C THR A 53 8.63 9.17 13.77
N PRO A 54 9.75 9.69 14.28
CA PRO A 54 9.96 11.14 14.25
C PRO A 54 9.93 11.81 12.88
N HIS A 55 10.44 11.12 11.85
CA HIS A 55 10.47 11.72 10.52
C HIS A 55 9.09 11.74 9.86
N LEU A 56 8.30 10.70 10.06
CA LEU A 56 6.96 10.67 9.51
C LEU A 56 6.08 11.66 10.28
N ASP A 57 6.35 11.84 11.57
CA ASP A 57 5.59 12.78 12.37
C ASP A 57 5.84 14.19 11.82
N LYS A 58 7.10 14.46 11.50
CA LYS A 58 7.49 15.76 10.95
C LYS A 58 6.83 15.97 9.58
N LEU A 59 6.87 14.93 8.75
CA LEU A 59 6.26 15.01 7.42
C LEU A 59 4.78 15.32 7.56
N ALA A 60 4.12 14.64 8.49
CA ALA A 60 2.70 14.83 8.73
C ALA A 60 2.40 16.26 9.17
N SER A 61 3.26 16.82 10.01
CA SER A 61 3.08 18.18 10.50
C SER A 61 3.21 19.21 9.38
N GLU A 62 3.87 18.84 8.30
CA GLU A 62 4.05 19.75 7.18
C GLU A 62 3.01 19.46 6.09
N GLY A 63 2.12 18.51 6.36
CA GLY A 63 1.10 18.16 5.40
C GLY A 63 -0.19 17.64 6.02
N ILE A 64 -0.70 16.53 5.48
CA ILE A 64 -1.93 15.93 5.97
C ILE A 64 -1.73 14.48 6.37
N ASN A 65 -2.39 14.10 7.46
CA ASN A 65 -2.31 12.73 7.95
C ASN A 65 -3.73 12.15 7.83
N PHE A 66 -3.93 11.24 6.89
CA PHE A 66 -5.23 10.61 6.69
C PHE A 66 -5.34 9.40 7.62
N THR A 67 -5.94 9.63 8.78
CA THR A 67 -6.08 8.60 9.80
C THR A 67 -7.13 7.50 9.59
N ASN A 68 -7.88 7.56 8.49
CA ASN A 68 -8.88 6.52 8.20
C ASN A 68 -8.60 5.86 6.85
N ALA A 69 -7.39 6.04 6.31
CA ALA A 69 -7.03 5.44 5.01
C ALA A 69 -7.01 3.92 5.03
N ILE A 70 -7.45 3.29 3.94
CA ILE A 70 -7.47 1.84 3.87
C ILE A 70 -7.01 1.28 2.52
N SER A 71 -6.86 -0.04 2.48
CA SER A 71 -6.48 -0.77 1.27
C SER A 71 -7.61 -1.80 1.11
N SER A 72 -8.36 -1.68 0.03
CA SER A 72 -9.51 -2.56 -0.22
C SER A 72 -9.23 -4.05 -0.40
N TYR A 73 -8.10 -4.39 -1.02
CA TYR A 73 -7.71 -5.78 -1.18
C TYR A 73 -6.34 -5.82 -0.52
N PRO A 74 -6.30 -6.02 0.81
CA PRO A 74 -5.07 -6.05 1.57
C PRO A 74 -4.11 -7.22 1.36
N VAL A 75 -3.55 -7.29 0.16
CA VAL A 75 -2.60 -8.31 -0.27
C VAL A 75 -1.63 -7.59 -1.21
N SER A 76 -0.36 -7.95 -1.18
CA SER A 76 0.65 -7.28 -1.99
C SER A 76 0.37 -7.01 -3.47
N SER A 77 0.45 -8.03 -4.31
CA SER A 77 0.23 -7.82 -5.75
C SER A 77 -1.12 -7.19 -6.07
N PRO A 78 -2.22 -7.71 -5.52
CA PRO A 78 -3.53 -7.14 -5.82
C PRO A 78 -3.60 -5.64 -5.50
N ALA A 79 -3.09 -5.26 -4.34
CA ALA A 79 -3.11 -3.86 -3.94
C ALA A 79 -2.28 -3.02 -4.90
N ARG A 80 -1.06 -3.48 -5.22
CA ARG A 80 -0.19 -2.76 -6.14
C ARG A 80 -0.80 -2.68 -7.53
N GLY A 81 -1.51 -3.74 -7.92
CA GLY A 81 -2.15 -3.79 -9.22
C GLY A 81 -3.26 -2.75 -9.32
N MSE A 82 -3.97 -2.53 -8.22
CA MSE A 82 -5.04 -1.56 -8.16
C MSE A 82 -4.43 -0.15 -8.21
O MSE A 82 -4.94 0.74 -8.88
CB MSE A 82 -5.84 -1.73 -6.88
CG MSE A 82 -6.92 -2.79 -6.98
SE MSE A 82 -7.42 -3.56 -5.27
CE MSE A 82 -7.13 -5.41 -5.72
N LEU A 83 -3.32 0.03 -7.51
CA LEU A 83 -2.65 1.31 -7.48
C LEU A 83 -2.19 1.74 -8.87
N MSE A 84 -1.51 0.82 -9.56
CA MSE A 84 -0.99 1.14 -10.89
C MSE A 84 -2.03 1.33 -11.99
O MSE A 84 -1.87 2.20 -12.85
CB MSE A 84 0.03 0.08 -11.32
CG MSE A 84 1.22 -0.09 -10.38
SE MSE A 84 2.09 1.58 -9.87
CE MSE A 84 2.85 0.97 -8.18
N THR A 85 -3.11 0.54 -11.95
CA THR A 85 -4.15 0.62 -12.97
C THR A 85 -5.37 1.48 -12.63
N GLY A 86 -5.59 1.72 -11.34
CA GLY A 86 -6.75 2.50 -10.94
C GLY A 86 -8.03 1.72 -11.13
N MSE A 87 -7.90 0.39 -11.25
CA MSE A 87 -9.04 -0.49 -11.45
C MSE A 87 -9.16 -1.46 -10.27
O MSE A 87 -8.17 -1.78 -9.63
CB MSE A 87 -8.90 -1.30 -12.74
CG MSE A 87 -8.77 -0.44 -13.99
SE MSE A 87 -8.63 -1.52 -15.61
CE MSE A 87 -6.73 -1.34 -15.95
N TYR A 88 -10.38 -1.92 -9.99
CA TYR A 88 -10.56 -2.86 -8.91
C TYR A 88 -9.98 -4.20 -9.41
N PRO A 89 -9.75 -5.18 -8.52
CA PRO A 89 -9.16 -6.47 -8.91
C PRO A 89 -9.58 -7.21 -10.19
N ILE A 90 -10.87 -7.34 -10.45
CA ILE A 90 -11.28 -8.05 -11.66
C ILE A 90 -10.71 -7.37 -12.90
N GLY A 91 -10.81 -6.04 -12.93
CA GLY A 91 -10.32 -5.28 -14.07
C GLY A 91 -8.80 -5.20 -14.16
N SER A 92 -8.14 -5.10 -13.01
CA SER A 92 -6.68 -5.00 -12.98
C SER A 92 -6.06 -6.35 -13.34
N LYS A 93 -6.84 -7.41 -13.17
CA LYS A 93 -6.42 -8.78 -13.45
C LYS A 93 -5.51 -9.39 -12.38
N VAL A 94 -5.06 -8.56 -11.43
CA VAL A 94 -4.20 -9.04 -10.36
C VAL A 94 -5.08 -9.44 -9.18
N THR A 95 -5.61 -10.66 -9.27
CA THR A 95 -6.53 -11.20 -8.27
C THR A 95 -5.92 -11.90 -7.08
N GLY A 96 -4.60 -12.12 -7.13
CA GLY A 96 -3.90 -12.77 -6.05
C GLY A 96 -2.45 -12.36 -6.14
N ASN A 97 -1.59 -12.89 -5.28
CA ASN A 97 -0.17 -12.56 -5.34
C ASN A 97 0.43 -13.15 -6.60
N CYS A 98 1.44 -12.48 -7.14
CA CYS A 98 2.11 -12.99 -8.31
C CYS A 98 3.09 -14.04 -7.81
N ASN A 99 3.00 -15.23 -8.38
CA ASN A 99 3.86 -16.34 -8.05
C ASN A 99 3.55 -17.42 -9.08
N SER A 100 4.32 -18.51 -9.08
CA SER A 100 4.09 -19.56 -10.07
C SER A 100 2.75 -20.28 -9.96
N GLU A 101 2.11 -20.19 -8.79
CA GLU A 101 0.82 -20.85 -8.60
C GLU A 101 -0.30 -20.09 -9.34
N THR A 102 -0.20 -18.76 -9.34
CA THR A 102 -1.21 -17.94 -10.00
C THR A 102 -0.87 -17.58 -11.44
N ALA A 103 0.39 -17.80 -11.82
CA ALA A 103 0.86 -17.47 -13.17
C ALA A 103 0.03 -18.08 -14.30
N PRO A 104 -0.37 -19.35 -14.18
CA PRO A 104 -1.17 -19.98 -15.25
C PRO A 104 -2.51 -19.28 -15.48
N TYR A 105 -2.93 -18.46 -14.53
CA TYR A 105 -4.20 -17.77 -14.63
C TYR A 105 -4.04 -16.31 -15.08
N GLY A 106 -2.81 -15.95 -15.45
CA GLY A 106 -2.54 -14.60 -15.90
C GLY A 106 -2.58 -13.54 -14.82
N VAL A 107 -2.19 -13.92 -13.61
CA VAL A 107 -2.20 -12.98 -12.50
C VAL A 107 -0.93 -12.12 -12.53
N GLU A 108 -1.02 -10.98 -13.22
CA GLU A 108 0.09 -10.04 -13.32
C GLU A 108 -0.41 -8.77 -14.00
N LEU A 109 0.35 -7.69 -13.89
CA LEU A 109 -0.03 -6.43 -14.51
C LEU A 109 0.06 -6.60 -16.03
N SER A 110 -0.97 -6.14 -16.73
CA SER A 110 -0.99 -6.24 -18.19
C SER A 110 -0.02 -5.24 -18.80
N GLN A 111 0.74 -5.68 -19.80
CA GLN A 111 1.68 -4.79 -20.48
C GLN A 111 0.88 -3.69 -21.18
N ASN A 112 -0.36 -3.98 -21.53
CA ASN A 112 -1.23 -3.03 -22.22
C ASN A 112 -2.02 -2.12 -21.28
N ALA A 113 -1.93 -2.37 -19.98
CA ALA A 113 -2.66 -1.54 -19.02
C ALA A 113 -2.09 -0.13 -19.04
N ARG A 114 -2.98 0.86 -19.08
CA ARG A 114 -2.58 2.26 -19.07
C ARG A 114 -2.46 2.69 -17.61
N CYS A 115 -1.23 2.68 -17.10
CA CYS A 115 -0.98 3.05 -15.70
C CYS A 115 -0.65 4.52 -15.55
N TRP A 116 -0.78 5.04 -14.32
CA TRP A 116 -0.49 6.46 -14.11
C TRP A 116 0.94 6.82 -14.46
N SER A 117 1.85 5.85 -14.34
CA SER A 117 3.25 6.10 -14.66
C SER A 117 3.40 6.30 -16.17
N ASP A 118 2.57 5.61 -16.95
CA ASP A 118 2.60 5.74 -18.42
C ASP A 118 2.15 7.15 -18.79
N VAL A 119 1.15 7.64 -18.05
CA VAL A 119 0.61 8.97 -18.28
C VAL A 119 1.67 10.04 -17.99
N LEU A 120 2.30 9.97 -16.82
CA LEU A 120 3.33 10.94 -16.46
C LEU A 120 4.51 10.90 -17.42
N LYS A 121 4.86 9.70 -17.88
CA LYS A 121 5.97 9.58 -18.82
C LYS A 121 5.58 10.32 -20.09
N ASP A 122 4.34 10.16 -20.53
CA ASP A 122 3.87 10.82 -21.74
C ASP A 122 3.82 12.35 -21.55
N GLN A 123 3.67 12.80 -20.31
CA GLN A 123 3.61 14.22 -20.04
C GLN A 123 4.99 14.83 -19.84
N GLY A 124 6.03 14.08 -20.20
CA GLY A 124 7.39 14.59 -20.10
C GLY A 124 8.13 14.46 -18.78
N TYR A 125 7.60 13.65 -17.87
CA TYR A 125 8.23 13.47 -16.56
C TYR A 125 9.40 12.51 -16.61
N ASN A 126 10.40 12.79 -15.77
CA ASN A 126 11.57 11.93 -15.64
C ASN A 126 11.03 10.89 -14.66
N MSE A 127 11.10 9.60 -15.01
CA MSE A 127 10.54 8.54 -14.16
C MSE A 127 11.54 7.59 -13.50
O MSE A 127 12.49 7.15 -14.12
CB MSE A 127 9.56 7.70 -14.99
CG MSE A 127 8.53 8.50 -15.77
SE MSE A 127 7.27 9.42 -14.65
CE MSE A 127 6.38 7.89 -13.86
N GLY A 128 11.26 7.24 -12.24
CA GLY A 128 12.13 6.33 -11.53
C GLY A 128 11.38 5.43 -10.54
N TYR A 129 11.83 4.18 -10.42
CA TYR A 129 11.20 3.24 -9.50
C TYR A 129 12.29 2.47 -8.77
N ILE A 130 12.27 2.50 -7.45
CA ILE A 130 13.27 1.80 -6.64
C ILE A 130 12.56 0.91 -5.63
N GLY A 131 12.90 -0.37 -5.59
CA GLY A 131 12.28 -1.25 -4.62
C GLY A 131 11.45 -2.40 -5.15
N LYS A 132 10.51 -2.84 -4.32
CA LYS A 132 9.63 -3.96 -4.64
C LYS A 132 8.53 -3.60 -5.63
N TRP A 133 8.41 -4.40 -6.69
CA TRP A 133 7.41 -4.19 -7.74
C TRP A 133 6.27 -5.20 -7.57
N HIS A 134 6.64 -6.48 -7.49
CA HIS A 134 5.73 -7.60 -7.31
C HIS A 134 4.48 -7.59 -8.19
N LEU A 135 4.66 -7.33 -9.49
CA LEU A 135 3.53 -7.32 -10.41
C LEU A 135 3.77 -8.16 -11.66
N ASP A 136 4.81 -9.00 -11.63
CA ASP A 136 5.13 -9.88 -12.75
C ASP A 136 5.03 -11.35 -12.36
N ALA A 137 4.42 -12.16 -13.24
CA ALA A 137 4.27 -13.60 -12.99
C ALA A 137 5.58 -14.32 -13.30
N PRO A 138 6.10 -15.12 -12.35
CA PRO A 138 7.35 -15.83 -12.62
C PRO A 138 7.14 -16.92 -13.68
N TYR A 139 8.21 -17.24 -14.43
CA TYR A 139 8.14 -18.28 -15.45
C TYR A 139 9.46 -19.05 -15.46
N LYS A 140 9.41 -20.32 -15.88
CA LYS A 140 10.60 -21.16 -15.91
C LYS A 140 11.53 -20.90 -17.10
N PRO A 141 12.86 -21.00 -16.88
CA PRO A 141 13.50 -21.32 -15.60
C PRO A 141 13.50 -20.08 -14.69
N TYR A 142 13.12 -20.26 -13.44
CA TYR A 142 13.03 -19.15 -12.49
C TYR A 142 14.40 -18.54 -12.18
N VAL A 143 14.42 -17.23 -11.93
CA VAL A 143 15.67 -16.56 -11.59
C VAL A 143 16.16 -17.16 -10.28
N ASP A 144 17.48 -17.17 -10.12
CA ASP A 144 18.12 -17.79 -8.96
C ASP A 144 18.14 -17.07 -7.60
N THR A 145 16.97 -16.88 -7.00
CA THR A 145 16.89 -16.29 -5.66
C THR A 145 16.23 -17.33 -4.76
N TYR A 146 16.45 -17.25 -3.46
CA TYR A 146 15.92 -18.23 -2.52
C TYR A 146 14.43 -18.51 -2.59
N ASN A 147 13.61 -17.48 -2.82
CA ASN A 147 12.17 -17.66 -2.87
C ASN A 147 11.65 -18.23 -4.18
N ASN A 148 12.55 -18.75 -5.00
CA ASN A 148 12.17 -19.36 -6.27
C ASN A 148 12.55 -20.84 -6.26
N ARG A 149 13.06 -21.30 -5.12
CA ARG A 149 13.44 -22.70 -4.96
C ARG A 149 12.25 -23.43 -4.36
N GLY A 150 11.99 -24.65 -4.81
CA GLY A 150 10.87 -25.39 -4.27
C GLY A 150 9.70 -25.49 -5.21
N LYS A 151 8.53 -25.79 -4.64
CA LYS A 151 7.30 -25.95 -5.42
C LYS A 151 6.76 -24.67 -6.03
N VAL A 152 6.87 -23.55 -5.29
CA VAL A 152 6.34 -22.28 -5.78
C VAL A 152 7.37 -21.15 -5.81
N ALA A 153 7.48 -20.50 -6.98
CA ALA A 153 8.41 -19.38 -7.19
C ALA A 153 7.66 -18.06 -7.06
N TRP A 154 8.31 -17.05 -6.50
CA TRP A 154 7.68 -15.76 -6.27
C TRP A 154 8.34 -14.54 -6.93
N ASN A 155 9.61 -14.65 -7.26
CA ASN A 155 10.34 -13.54 -7.81
C ASN A 155 10.58 -13.63 -9.31
N GLU A 156 10.40 -12.51 -10.00
CA GLU A 156 10.58 -12.46 -11.44
C GLU A 156 11.10 -11.09 -11.88
N TRP A 157 11.79 -11.07 -13.01
CA TRP A 157 12.36 -9.86 -13.58
C TRP A 157 11.28 -9.07 -14.31
N CYS A 158 11.42 -7.75 -14.36
CA CYS A 158 10.47 -6.92 -15.08
C CYS A 158 11.22 -6.35 -16.28
N PRO A 159 10.99 -6.91 -17.48
CA PRO A 159 11.68 -6.42 -18.67
C PRO A 159 11.26 -4.98 -18.95
N PRO A 160 12.10 -4.21 -19.67
CA PRO A 160 11.77 -2.82 -19.98
C PRO A 160 10.36 -2.54 -20.52
N GLU A 161 9.87 -3.39 -21.40
CA GLU A 161 8.55 -3.18 -21.98
C GLU A 161 7.40 -3.40 -21.00
N ARG A 162 7.71 -3.88 -19.79
CA ARG A 162 6.68 -4.08 -18.77
C ARG A 162 6.87 -3.12 -17.59
N ARG A 163 7.68 -2.10 -17.77
CA ARG A 163 7.94 -1.14 -16.69
C ARG A 163 7.03 0.08 -16.69
N HIS A 164 6.12 0.14 -17.64
CA HIS A 164 5.16 1.23 -17.73
C HIS A 164 5.71 2.65 -17.58
N GLY A 165 6.79 2.94 -18.28
CA GLY A 165 7.36 4.28 -18.23
C GLY A 165 8.46 4.56 -17.22
N PHE A 166 8.69 3.66 -16.27
CA PHE A 166 9.73 3.86 -15.29
C PHE A 166 11.10 3.59 -15.93
N ASP A 167 11.70 4.64 -16.47
CA ASP A 167 13.00 4.55 -17.13
C ASP A 167 14.17 4.23 -16.20
N HIS A 168 14.21 4.87 -15.04
CA HIS A 168 15.26 4.60 -14.07
C HIS A 168 14.70 3.44 -13.24
N TRP A 169 15.41 2.31 -13.25
CA TRP A 169 14.92 1.11 -12.58
C TRP A 169 15.96 0.41 -11.70
N ILE A 170 15.65 0.29 -10.41
CA ILE A 170 16.50 -0.41 -9.45
C ILE A 170 15.47 -1.12 -8.61
N ALA A 171 15.01 -2.27 -9.09
CA ALA A 171 13.96 -3.00 -8.42
C ALA A 171 14.02 -4.51 -8.54
N TYR A 172 13.04 -5.15 -7.92
CA TYR A 172 12.92 -6.61 -7.94
C TYR A 172 11.44 -6.98 -7.85
N GLY A 173 11.14 -8.28 -7.98
CA GLY A 173 9.77 -8.75 -7.88
C GLY A 173 9.38 -8.75 -6.42
N THR A 174 9.89 -9.74 -5.68
CA THR A 174 9.69 -9.81 -4.24
C THR A 174 10.85 -10.63 -3.69
N TYR A 175 11.27 -10.30 -2.48
CA TYR A 175 12.43 -10.94 -1.83
C TYR A 175 12.43 -10.37 -0.42
N ASP A 176 12.49 -11.23 0.58
CA ASP A 176 12.37 -10.76 1.96
C ASP A 176 13.53 -10.86 2.94
N TYR A 177 14.73 -11.17 2.45
CA TYR A 177 15.89 -11.22 3.33
C TYR A 177 16.47 -9.81 3.27
N HIS A 178 15.91 -8.92 4.10
CA HIS A 178 16.28 -7.50 4.13
C HIS A 178 17.74 -7.13 4.33
N LEU A 179 18.49 -8.01 4.99
CA LEU A 179 19.91 -7.74 5.27
C LEU A 179 20.83 -7.91 4.06
N LYS A 180 20.34 -8.56 3.02
CA LYS A 180 21.11 -8.74 1.79
C LYS A 180 20.14 -8.80 0.62
N PRO A 181 19.48 -7.66 0.32
CA PRO A 181 18.51 -7.57 -0.77
C PRO A 181 19.17 -7.66 -2.14
N MSE A 182 18.36 -7.94 -3.15
CA MSE A 182 18.87 -8.00 -4.52
C MSE A 182 18.05 -7.07 -5.40
O MSE A 182 16.91 -6.74 -5.07
CB MSE A 182 18.86 -9.44 -5.06
CG MSE A 182 17.62 -10.25 -4.77
SE MSE A 182 16.14 -9.76 -5.90
CE MSE A 182 14.94 -11.20 -5.47
N TYR A 183 18.66 -6.65 -6.50
CA TYR A 183 18.02 -5.71 -7.42
C TYR A 183 18.52 -5.91 -8.83
N TRP A 184 17.75 -5.34 -9.76
CA TRP A 184 18.12 -5.33 -11.17
C TRP A 184 18.20 -3.83 -11.45
N ASN A 185 19.31 -3.39 -12.06
CA ASN A 185 19.44 -1.99 -12.41
C ASN A 185 18.73 -1.86 -13.77
N THR A 186 18.74 -0.66 -14.34
CA THR A 186 18.03 -0.42 -15.60
C THR A 186 18.38 -1.31 -16.79
N THR A 187 19.67 -1.57 -17.01
CA THR A 187 20.07 -2.38 -18.17
C THR A 187 20.47 -3.83 -17.91
N ALA A 188 20.40 -4.28 -16.67
CA ALA A 188 20.79 -5.64 -16.35
C ALA A 188 19.85 -6.68 -16.96
N PRO A 189 20.42 -7.75 -17.56
CA PRO A 189 19.55 -8.77 -18.13
C PRO A 189 18.90 -9.59 -17.01
N ARG A 190 17.93 -10.42 -17.36
CA ARG A 190 17.20 -11.25 -16.41
C ARG A 190 18.00 -12.00 -15.36
N ASP A 191 19.12 -12.61 -15.75
CA ASP A 191 19.91 -13.36 -14.79
C ASP A 191 21.11 -12.60 -14.22
N SER A 192 21.11 -11.29 -14.38
CA SER A 192 22.20 -10.46 -13.88
C SER A 192 21.83 -9.49 -12.75
N PHE A 193 20.99 -9.95 -11.83
CA PHE A 193 20.63 -9.13 -10.69
C PHE A 193 21.85 -9.14 -9.77
N TYR A 194 21.89 -8.24 -8.81
CA TYR A 194 23.01 -8.17 -7.88
C TYR A 194 22.53 -8.05 -6.45
N TYR A 195 23.38 -8.46 -5.51
CA TYR A 195 23.06 -8.39 -4.09
C TYR A 195 23.79 -7.20 -3.48
N VAL A 196 23.22 -6.64 -2.43
CA VAL A 196 23.81 -5.51 -1.71
C VAL A 196 23.95 -5.89 -0.24
N ASN A 197 25.11 -5.62 0.36
CA ASN A 197 25.34 -5.92 1.76
C ASN A 197 24.99 -4.71 2.61
N GLN A 198 23.70 -4.37 2.60
CA GLN A 198 23.18 -3.23 3.33
C GLN A 198 21.68 -3.45 3.51
N TRP A 199 21.10 -2.91 4.58
CA TRP A 199 19.68 -3.08 4.82
C TRP A 199 18.90 -2.45 3.67
N GLY A 200 17.90 -3.16 3.16
CA GLY A 200 17.11 -2.68 2.05
C GLY A 200 16.75 -1.20 2.05
N PRO A 201 16.01 -0.72 3.06
CA PRO A 201 15.60 0.68 3.16
C PRO A 201 16.76 1.66 3.11
N GLU A 202 17.91 1.23 3.64
CA GLU A 202 19.12 2.06 3.65
C GLU A 202 19.64 2.26 2.24
N TYR A 203 19.76 1.16 1.51
CA TYR A 203 20.26 1.20 0.13
C TYR A 203 19.28 1.96 -0.76
N GLU A 204 18.00 1.63 -0.62
CA GLU A 204 16.97 2.27 -1.40
C GLU A 204 16.95 3.78 -1.18
N ALA A 205 17.06 4.20 0.07
CA ALA A 205 17.06 5.63 0.37
C ALA A 205 18.31 6.28 -0.25
N SER A 206 19.43 5.57 -0.23
CA SER A 206 20.66 6.11 -0.83
C SER A 206 20.51 6.30 -2.33
N LYS A 207 19.87 5.35 -3.00
CA LYS A 207 19.68 5.45 -4.44
C LYS A 207 18.62 6.52 -4.76
N ALA A 208 17.65 6.68 -3.88
CA ALA A 208 16.61 7.70 -4.07
C ALA A 208 17.25 9.08 -3.96
N ILE A 209 18.21 9.22 -3.05
CA ILE A 209 18.91 10.48 -2.84
C ILE A 209 19.72 10.84 -4.08
N GLU A 210 20.41 9.85 -4.65
CA GLU A 210 21.18 10.11 -5.86
C GLU A 210 20.24 10.56 -6.98
N TYR A 211 19.10 9.90 -7.11
CA TYR A 211 18.13 10.27 -8.14
C TYR A 211 17.66 11.71 -7.93
N ILE A 212 17.29 12.02 -6.69
CA ILE A 212 16.82 13.36 -6.34
C ILE A 212 17.87 14.43 -6.59
N ASN A 213 19.12 14.14 -6.23
CA ASN A 213 20.21 15.09 -6.45
C ASN A 213 20.29 15.42 -7.94
N GLY A 214 20.07 14.42 -8.77
CA GLY A 214 20.13 14.61 -10.21
C GLY A 214 19.00 15.41 -10.81
N GLN A 215 17.99 15.74 -10.00
CA GLN A 215 16.84 16.50 -10.48
C GLN A 215 16.92 17.96 -10.04
N LYS A 216 18.00 18.31 -9.37
CA LYS A 216 18.18 19.67 -8.86
C LYS A 216 18.07 20.82 -9.86
N ASP A 217 18.44 20.60 -11.13
CA ASP A 217 18.38 21.69 -12.11
C ASP A 217 16.94 22.03 -12.53
N GLN A 218 15.98 21.19 -12.14
CA GLN A 218 14.57 21.41 -12.45
C GLN A 218 14.28 21.70 -13.92
N LYS A 219 14.97 21.02 -14.83
CA LYS A 219 14.72 21.24 -16.26
C LYS A 219 13.42 20.57 -16.70
N GLN A 220 12.97 19.60 -15.92
CA GLN A 220 11.74 18.87 -16.21
C GLN A 220 11.18 18.31 -14.91
N PRO A 221 9.88 17.97 -14.89
CA PRO A 221 9.34 17.42 -13.64
C PRO A 221 9.80 15.97 -13.50
N PHE A 222 9.64 15.40 -12.31
CA PHE A 222 10.00 14.01 -12.11
C PHE A 222 9.03 13.31 -11.17
N ALA A 223 8.98 11.99 -11.28
CA ALA A 223 8.14 11.16 -10.44
C ALA A 223 9.04 10.01 -10.00
N LEU A 224 9.12 9.79 -8.70
CA LEU A 224 9.95 8.70 -8.18
C LEU A 224 9.16 7.88 -7.17
N VAL A 225 9.22 6.57 -7.32
CA VAL A 225 8.56 5.68 -6.38
C VAL A 225 9.66 4.98 -5.60
N VAL A 226 9.52 4.92 -4.28
CA VAL A 226 10.48 4.23 -3.44
C VAL A 226 9.62 3.22 -2.68
N SER A 227 9.74 1.96 -3.05
CA SER A 227 8.95 0.87 -2.47
C SER A 227 9.79 0.00 -1.54
N MSE A 228 9.73 0.29 -0.24
CA MSE A 228 10.51 -0.45 0.74
C MSE A 228 9.80 -1.71 1.22
O MSE A 228 8.57 -1.75 1.27
CB MSE A 228 10.82 0.45 1.94
CG MSE A 228 11.63 1.68 1.57
SE MSE A 228 11.82 2.89 3.07
CE MSE A 228 13.03 4.17 2.28
N ASN A 229 10.57 -2.73 1.55
CA ASN A 229 10.02 -4.01 1.99
C ASN A 229 9.64 -4.02 3.48
N PRO A 230 10.60 -3.72 4.38
CA PRO A 230 10.21 -3.73 5.80
C PRO A 230 9.10 -2.68 5.95
N PRO A 231 8.22 -2.83 6.94
CA PRO A 231 8.13 -3.85 7.99
C PRO A 231 7.53 -5.20 7.62
N HIS A 232 7.61 -5.57 6.35
CA HIS A 232 7.10 -6.88 5.91
C HIS A 232 8.02 -7.92 6.54
N THR A 233 7.53 -9.15 6.66
CA THR A 233 8.31 -10.20 7.32
C THR A 233 9.76 -10.33 7.03
N GLY A 234 10.39 -10.91 8.04
CA GLY A 234 11.81 -11.05 8.10
C GLY A 234 11.84 -9.91 9.10
N TYR A 235 10.91 -9.96 10.05
CA TYR A 235 10.78 -8.91 11.07
C TYR A 235 12.08 -8.73 11.83
N GLU A 236 12.80 -9.82 12.05
CA GLU A 236 14.05 -9.76 12.78
C GLU A 236 15.21 -9.25 11.95
N LEU A 237 15.00 -9.17 10.64
CA LEU A 237 16.05 -8.73 9.73
C LEU A 237 16.08 -7.20 9.62
N VAL A 238 16.50 -6.58 10.71
CA VAL A 238 16.61 -5.14 10.84
C VAL A 238 17.85 -4.85 11.68
N PRO A 239 18.59 -3.77 11.36
CA PRO A 239 19.79 -3.46 12.14
C PRO A 239 19.57 -3.38 13.64
N ASP A 240 20.56 -3.85 14.39
CA ASP A 240 20.51 -3.88 15.85
C ASP A 240 20.19 -2.55 16.51
N ARG A 241 20.67 -1.45 15.95
CA ARG A 241 20.42 -0.14 16.56
C ARG A 241 18.93 0.18 16.65
N TYR A 242 18.14 -0.33 15.70
CA TYR A 242 16.70 -0.08 15.75
C TYR A 242 16.03 -1.00 16.78
N LYS A 243 16.59 -2.19 16.97
CA LYS A 243 16.04 -3.13 17.95
C LYS A 243 16.30 -2.61 19.36
N GLU A 244 17.47 -2.01 19.57
CA GLU A 244 17.85 -1.48 20.88
C GLU A 244 16.84 -0.48 21.42
N ILE A 245 16.19 0.24 20.51
CA ILE A 245 15.21 1.25 20.90
C ILE A 245 14.01 0.64 21.63
N TYR A 246 13.70 -0.62 21.34
CA TYR A 246 12.56 -1.28 21.96
C TYR A 246 12.93 -2.39 22.94
N LYS A 247 14.18 -2.42 23.37
CA LYS A 247 14.65 -3.45 24.30
C LYS A 247 13.89 -3.43 25.62
N ASP A 248 13.38 -2.26 26.01
CA ASP A 248 12.65 -2.14 27.27
C ASP A 248 11.14 -1.98 27.07
N LEU A 249 10.68 -2.17 25.84
CA LEU A 249 9.26 -2.05 25.53
C LEU A 249 8.42 -3.03 26.36
N ASP A 250 7.34 -2.55 26.97
CA ASP A 250 6.46 -3.39 27.77
C ASP A 250 5.41 -3.97 26.83
N VAL A 251 5.70 -5.15 26.27
CA VAL A 251 4.80 -5.79 25.34
C VAL A 251 3.42 -6.13 25.91
N GLU A 252 3.39 -6.64 27.14
CA GLU A 252 2.11 -6.99 27.76
C GLU A 252 1.20 -5.77 27.86
N ALA A 253 1.79 -4.61 28.12
CA ALA A 253 1.02 -3.37 28.24
C ALA A 253 0.33 -3.03 26.92
N LEU A 254 0.95 -3.43 25.81
CA LEU A 254 0.41 -3.17 24.48
C LEU A 254 -0.91 -3.88 24.24
N CYS A 255 -1.10 -5.03 24.90
CA CYS A 255 -2.30 -5.84 24.72
C CYS A 255 -3.47 -5.36 25.57
N LYS A 256 -3.24 -4.34 26.38
CA LYS A 256 -4.27 -3.79 27.26
C LYS A 256 -5.45 -3.21 26.49
N GLY A 257 -6.65 -3.72 26.77
CA GLY A 257 -7.84 -3.23 26.10
C GLY A 257 -7.94 -3.69 24.65
N ARG A 258 -7.24 -4.77 24.32
CA ARG A 258 -7.26 -5.31 22.97
C ARG A 258 -7.81 -6.72 22.98
N PRO A 259 -9.15 -6.86 23.03
CA PRO A 259 -9.75 -8.20 23.05
C PRO A 259 -9.47 -9.00 21.78
N ASP A 260 -9.04 -8.33 20.71
CA ASP A 260 -8.74 -9.01 19.46
C ASP A 260 -7.38 -9.71 19.49
N ILE A 261 -6.56 -9.40 20.49
CA ILE A 261 -5.25 -10.05 20.62
C ILE A 261 -5.38 -11.22 21.59
N PRO A 262 -5.16 -12.46 21.10
CA PRO A 262 -5.27 -13.65 21.95
C PRO A 262 -4.38 -13.57 23.19
N ALA A 263 -4.78 -14.32 24.23
CA ALA A 263 -4.04 -14.32 25.48
C ALA A 263 -2.65 -14.96 25.40
N LYS A 264 -1.80 -14.60 26.35
CA LYS A 264 -0.46 -15.15 26.41
C LYS A 264 -0.62 -16.65 26.62
N GLY A 265 0.23 -17.44 26.00
CA GLY A 265 0.14 -18.89 26.14
C GLY A 265 -0.50 -19.55 24.94
N THR A 266 -1.20 -18.77 24.13
CA THR A 266 -1.84 -19.30 22.94
C THR A 266 -0.91 -19.12 21.75
N GLU A 267 -1.15 -19.87 20.68
CA GLU A 267 -0.32 -19.78 19.49
C GLU A 267 -0.27 -18.37 18.90
N MSE A 268 -1.43 -17.78 18.68
CA MSE A 268 -1.50 -16.44 18.11
C MSE A 268 -1.20 -15.32 19.09
O MSE A 268 -0.72 -14.25 18.70
CB MSE A 268 -2.87 -16.23 17.45
CG MSE A 268 -3.10 -17.10 16.22
SE MSE A 268 -1.83 -16.77 14.79
CE MSE A 268 -2.30 -18.24 13.61
N GLY A 269 -1.48 -15.54 20.37
CA GLY A 269 -1.20 -14.52 21.36
C GLY A 269 0.31 -14.38 21.53
N ASP A 270 1.01 -15.51 21.52
CA ASP A 270 2.46 -15.48 21.66
C ASP A 270 3.11 -14.95 20.39
N TYR A 271 2.48 -15.24 19.25
CA TYR A 271 3.01 -14.76 17.97
C TYR A 271 3.04 -13.23 17.97
N PHE A 272 1.96 -12.61 18.45
CA PHE A 272 1.91 -11.16 18.50
C PHE A 272 3.00 -10.62 19.40
N ARG A 273 3.04 -11.14 20.62
CA ARG A 273 4.01 -10.72 21.64
C ARG A 273 5.48 -10.96 21.25
N ASN A 274 5.73 -12.03 20.51
CA ASN A 274 7.09 -12.39 20.11
C ASN A 274 7.62 -11.58 18.92
N ASN A 275 6.74 -10.88 18.21
CA ASN A 275 7.16 -10.13 17.02
C ASN A 275 6.91 -8.62 17.01
N ILE A 276 6.11 -8.11 17.96
CA ILE A 276 5.81 -6.69 17.97
C ILE A 276 7.04 -5.78 18.12
N ARG A 277 8.02 -6.20 18.93
CA ARG A 277 9.22 -5.39 19.12
C ARG A 277 9.99 -5.18 17.82
N ASN A 278 10.21 -6.27 17.08
CA ASN A 278 10.95 -6.18 15.84
C ASN A 278 10.14 -5.48 14.76
N TYR A 279 8.81 -5.57 14.85
CA TYR A 279 7.96 -4.88 13.88
C TYR A 279 8.17 -3.39 14.07
N TYR A 280 8.15 -2.93 15.32
CA TYR A 280 8.37 -1.51 15.59
C TYR A 280 9.79 -1.10 15.19
N ALA A 281 10.77 -1.99 15.40
CA ALA A 281 12.16 -1.69 15.05
C ALA A 281 12.25 -1.42 13.54
N CYS A 282 11.58 -2.26 12.76
CA CYS A 282 11.57 -2.10 11.31
C CYS A 282 10.97 -0.77 10.92
N ILE A 283 9.84 -0.43 11.55
CA ILE A 283 9.17 0.83 11.27
C ILE A 283 10.06 2.02 11.59
N THR A 284 10.71 1.99 12.74
CA THR A 284 11.58 3.10 13.11
C THR A 284 12.75 3.20 12.11
N GLY A 285 13.23 2.06 11.65
CA GLY A 285 14.32 2.06 10.68
C GLY A 285 13.83 2.62 9.35
N VAL A 286 12.62 2.23 8.95
CA VAL A 286 12.06 2.73 7.72
C VAL A 286 11.90 4.25 7.86
N ASP A 287 11.40 4.67 9.01
CA ASP A 287 11.19 6.09 9.30
C ASP A 287 12.46 6.90 9.10
N GLU A 288 13.58 6.41 9.63
CA GLU A 288 14.85 7.13 9.50
C GLU A 288 15.26 7.29 8.05
N ASN A 289 15.03 6.26 7.24
CA ASN A 289 15.40 6.35 5.83
C ASN A 289 14.45 7.25 5.05
N VAL A 290 13.19 7.34 5.50
CA VAL A 290 12.24 8.22 4.84
C VAL A 290 12.75 9.63 5.14
N GLY A 291 13.26 9.82 6.36
CA GLY A 291 13.80 11.11 6.75
C GLY A 291 14.96 11.54 5.87
N ARG A 292 15.78 10.58 5.46
CA ARG A 292 16.92 10.86 4.59
C ARG A 292 16.44 11.37 3.23
N ILE A 293 15.38 10.75 2.71
CA ILE A 293 14.84 11.16 1.42
C ILE A 293 14.24 12.56 1.48
N ILE A 294 13.49 12.84 2.54
CA ILE A 294 12.89 14.16 2.72
C ILE A 294 13.98 15.21 2.80
N GLU A 295 15.05 14.90 3.53
CA GLU A 295 16.16 15.84 3.68
C GLU A 295 16.80 16.15 2.33
N ALA A 296 16.89 15.14 1.47
CA ALA A 296 17.47 15.33 0.14
C ALA A 296 16.59 16.27 -0.66
N LEU A 297 15.28 16.10 -0.53
CA LEU A 297 14.33 16.96 -1.24
C LEU A 297 14.51 18.41 -0.78
N LYS A 298 14.59 18.62 0.54
CA LYS A 298 14.76 19.96 1.08
C LYS A 298 16.10 20.58 0.69
N GLN A 299 17.16 19.77 0.70
CA GLN A 299 18.50 20.23 0.34
C GLN A 299 18.57 20.71 -1.10
N ASN A 300 17.78 20.08 -1.97
CA ASN A 300 17.76 20.43 -3.39
C ASN A 300 16.63 21.39 -3.75
N ASN A 301 15.95 21.92 -2.75
CA ASN A 301 14.83 22.85 -2.98
C ASN A 301 13.76 22.19 -3.84
N LEU A 302 13.56 20.89 -3.60
CA LEU A 302 12.59 20.09 -4.34
C LEU A 302 11.51 19.52 -3.41
N PHE A 303 11.29 20.16 -2.27
CA PHE A 303 10.29 19.68 -1.32
C PHE A 303 8.98 20.47 -1.43
N ASP A 304 9.08 21.78 -1.53
CA ASP A 304 7.89 22.62 -1.60
C ASP A 304 6.97 22.37 -2.78
N ASN A 305 7.52 22.12 -3.97
CA ASN A 305 6.66 21.89 -5.12
C ASN A 305 6.67 20.45 -5.57
N THR A 306 6.67 19.56 -4.59
CA THR A 306 6.65 18.13 -4.84
C THR A 306 5.60 17.53 -3.94
N ILE A 307 4.80 16.64 -4.49
CA ILE A 307 3.80 15.96 -3.68
C ILE A 307 4.52 14.74 -3.13
N VAL A 308 4.64 14.67 -1.81
CA VAL A 308 5.28 13.53 -1.17
C VAL A 308 4.19 12.71 -0.50
N VAL A 309 4.17 11.42 -0.79
CA VAL A 309 3.18 10.53 -0.22
C VAL A 309 3.85 9.38 0.50
N PHE A 310 3.39 9.07 1.71
CA PHE A 310 3.91 7.91 2.44
C PHE A 310 2.71 7.03 2.72
N THR A 311 2.72 5.82 2.22
CA THR A 311 1.60 4.91 2.41
C THR A 311 2.05 3.46 2.43
N SER A 312 1.11 2.53 2.36
CA SER A 312 1.43 1.11 2.38
C SER A 312 0.37 0.32 1.62
N ASP A 313 0.72 -0.87 1.17
CA ASP A 313 -0.22 -1.71 0.43
C ASP A 313 -1.22 -2.42 1.33
N HIS A 314 -0.86 -2.60 2.59
CA HIS A 314 -1.74 -3.25 3.57
C HIS A 314 -1.11 -3.33 4.95
N GLY A 315 -1.94 -3.66 5.94
CA GLY A 315 -1.47 -3.81 7.30
C GLY A 315 -1.14 -5.25 7.60
N ILE A 316 -1.37 -5.69 8.84
CA ILE A 316 -1.06 -7.05 9.24
C ILE A 316 -1.79 -7.39 10.55
N CYS A 317 -2.28 -8.62 10.68
CA CYS A 317 -2.97 -9.03 11.91
C CYS A 317 -1.95 -9.43 12.97
N MSE A 318 -0.93 -10.18 12.56
CA MSE A 318 0.14 -10.62 13.46
C MSE A 318 -0.38 -11.31 14.72
O MSE A 318 0.13 -11.09 15.83
CB MSE A 318 1.01 -9.40 13.83
CG MSE A 318 2.42 -9.75 14.32
SE MSE A 318 3.50 -8.17 14.72
CE MSE A 318 3.06 -7.99 16.57
N GLY A 319 -1.42 -12.13 14.56
CA GLY A 319 -1.97 -12.82 15.71
C GLY A 319 -3.35 -12.31 16.12
N ALA A 320 -3.62 -11.05 15.84
CA ALA A 320 -4.91 -10.47 16.19
C ALA A 320 -5.99 -11.22 15.40
N HIS A 321 -7.12 -11.47 16.07
CA HIS A 321 -8.24 -12.20 15.46
C HIS A 321 -7.83 -13.60 15.02
N GLU A 322 -6.80 -14.15 15.67
CA GLU A 322 -6.30 -15.48 15.37
C GLU A 322 -5.75 -15.60 13.95
N ASN A 323 -5.41 -14.46 13.35
CA ASN A 323 -4.85 -14.43 12.00
C ASN A 323 -3.40 -13.98 12.04
N ALA A 324 -2.52 -14.74 11.39
CA ALA A 324 -1.12 -14.38 11.37
C ALA A 324 -0.79 -13.34 10.32
N GLY A 325 -1.49 -13.40 9.19
CA GLY A 325 -1.15 -12.48 8.09
C GLY A 325 -2.16 -11.40 7.87
N LYS A 326 -2.35 -11.05 6.60
CA LYS A 326 -3.39 -10.10 6.25
C LYS A 326 -4.37 -10.83 5.28
N ASP A 327 -4.84 -10.11 4.27
CA ASP A 327 -5.77 -10.65 3.29
C ASP A 327 -7.15 -10.90 3.97
N ILE A 328 -7.58 -9.93 4.77
CA ILE A 328 -8.85 -10.05 5.48
C ILE A 328 -9.43 -8.67 5.79
N PHE A 329 -10.74 -8.62 6.05
CA PHE A 329 -11.44 -7.37 6.29
C PHE A 329 -11.21 -6.65 7.62
N TYR A 330 -10.55 -7.29 8.58
CA TYR A 330 -10.31 -6.65 9.86
C TYR A 330 -9.50 -5.36 9.74
N GLU A 331 -9.81 -4.39 10.60
CA GLU A 331 -9.13 -3.10 10.60
C GLU A 331 -7.60 -3.16 10.59
N GLU A 332 -7.00 -4.04 11.40
CA GLU A 332 -5.55 -4.11 11.46
C GLU A 332 -4.93 -4.53 10.12
N SER A 333 -5.76 -5.13 9.27
CA SER A 333 -5.34 -5.57 7.95
C SER A 333 -5.60 -4.50 6.88
N MSE A 334 -6.78 -3.89 6.93
CA MSE A 334 -7.17 -2.87 5.96
C MSE A 334 -6.56 -1.48 6.18
O MSE A 334 -6.23 -0.79 5.21
CB MSE A 334 -8.70 -2.72 5.91
CG MSE A 334 -9.46 -3.94 5.40
SE MSE A 334 -11.36 -3.55 5.17
CE MSE A 334 -11.22 -2.48 3.56
N ARG A 335 -6.42 -1.04 7.43
CA ARG A 335 -5.88 0.28 7.71
C ARG A 335 -4.41 0.46 7.35
N ILE A 336 -4.13 1.50 6.58
CA ILE A 336 -2.78 1.82 6.14
C ILE A 336 -2.44 3.28 6.39
N PRO A 337 -1.14 3.59 6.51
CA PRO A 337 -0.75 4.97 6.73
C PRO A 337 -0.99 5.70 5.42
N MSE A 338 -1.19 7.00 5.50
CA MSE A 338 -1.43 7.81 4.31
C MSE A 338 -1.12 9.24 4.70
O MSE A 338 -1.99 9.97 5.20
CB MSE A 338 -2.89 7.67 3.88
CG MSE A 338 -3.29 8.47 2.65
SE MSE A 338 -2.59 7.76 1.00
CE MSE A 338 -3.68 6.16 0.83
N ILE A 339 0.12 9.64 4.50
CA ILE A 339 0.59 10.98 4.81
C ILE A 339 0.97 11.65 3.50
N LEU A 340 0.50 12.87 3.29
CA LEU A 340 0.78 13.58 2.06
C LEU A 340 1.17 15.04 2.34
N SER A 341 2.18 15.52 1.64
CA SER A 341 2.62 16.89 1.79
C SER A 341 2.84 17.52 0.42
N TRP A 342 2.60 18.82 0.35
CA TRP A 342 2.77 19.61 -0.86
C TRP A 342 2.65 21.05 -0.36
N PRO A 343 3.70 21.54 0.30
CA PRO A 343 3.76 22.89 0.87
C PRO A 343 3.23 24.01 -0.03
N ASP A 344 3.61 24.00 -1.30
CA ASP A 344 3.16 25.04 -2.22
C ASP A 344 1.65 25.15 -2.38
N GLN A 345 0.93 24.05 -2.20
CA GLN A 345 -0.53 24.09 -2.40
C GLN A 345 -1.40 23.63 -1.24
N ILE A 346 -0.81 22.93 -0.27
CA ILE A 346 -1.60 22.44 0.85
C ILE A 346 -1.10 22.90 2.21
N LYS A 347 -1.98 23.59 2.93
CA LYS A 347 -1.67 24.07 4.26
C LYS A 347 -1.78 22.85 5.17
N PRO A 348 -0.90 22.72 6.17
CA PRO A 348 -1.00 21.55 7.05
C PRO A 348 -2.33 21.46 7.78
N ARG A 349 -2.85 20.24 7.87
CA ARG A 349 -4.11 19.97 8.57
C ARG A 349 -3.84 18.87 9.58
N LYS A 350 -4.25 19.09 10.82
CA LYS A 350 -4.04 18.11 11.89
C LYS A 350 -4.34 16.68 11.46
N SER A 351 -5.62 16.36 11.34
CA SER A 351 -6.04 15.03 10.92
C SER A 351 -7.24 15.12 9.99
N ASP A 352 -7.24 14.33 8.93
CA ASP A 352 -8.34 14.33 7.98
C ASP A 352 -9.00 12.96 8.03
N PRO A 353 -10.32 12.92 8.26
CA PRO A 353 -11.06 11.65 8.32
C PRO A 353 -11.42 11.02 6.98
N LEU A 354 -11.04 11.66 5.88
CA LEU A 354 -11.35 11.14 4.55
C LEU A 354 -10.95 9.67 4.40
N MSE A 355 -11.89 8.83 3.99
CA MSE A 355 -11.58 7.40 3.84
C MSE A 355 -10.96 7.11 2.48
O MSE A 355 -11.50 6.32 1.69
CB MSE A 355 -12.84 6.54 4.03
CG MSE A 355 -12.51 5.10 4.37
SE MSE A 355 -13.99 3.89 4.13
CE MSE A 355 -15.24 4.72 5.37
N ILE A 356 -9.83 7.74 2.20
CA ILE A 356 -9.13 7.53 0.94
C ILE A 356 -8.53 6.13 0.92
N ALA A 357 -8.50 5.52 -0.25
CA ALA A 357 -7.94 4.17 -0.38
C ALA A 357 -6.67 4.19 -1.19
N PHE A 358 -5.83 3.20 -0.94
CA PHE A 358 -4.56 3.03 -1.65
C PHE A 358 -4.78 3.15 -3.15
N ALA A 359 -5.84 2.52 -3.66
CA ALA A 359 -6.14 2.51 -5.09
C ALA A 359 -6.70 3.81 -5.67
N ASP A 360 -7.08 4.75 -4.81
CA ASP A 360 -7.62 6.03 -5.28
C ASP A 360 -6.51 6.99 -5.68
N LEU A 361 -5.26 6.65 -5.36
CA LEU A 361 -4.16 7.54 -5.66
C LEU A 361 -3.91 7.83 -7.14
N TYR A 362 -4.26 6.91 -8.03
CA TYR A 362 -4.08 7.10 -9.47
C TYR A 362 -4.87 8.35 -9.93
N PRO A 363 -6.21 8.31 -9.86
CA PRO A 363 -6.93 9.52 -10.30
C PRO A 363 -6.71 10.74 -9.41
N THR A 364 -6.62 10.51 -8.10
CA THR A 364 -6.43 11.60 -7.15
C THR A 364 -5.14 12.39 -7.40
N LEU A 365 -4.00 11.69 -7.49
CA LEU A 365 -2.73 12.38 -7.73
C LEU A 365 -2.68 13.03 -9.10
N LEU A 366 -3.11 12.31 -10.13
CA LEU A 366 -3.09 12.86 -11.48
C LEU A 366 -3.88 14.17 -11.58
N SER A 367 -5.06 14.21 -10.98
CA SER A 367 -5.87 15.43 -11.01
C SER A 367 -5.18 16.53 -10.20
N MSE A 368 -4.63 16.17 -9.05
CA MSE A 368 -3.93 17.16 -8.22
C MSE A 368 -2.75 17.74 -8.97
O MSE A 368 -2.41 18.92 -8.80
CB MSE A 368 -3.41 16.51 -6.93
CG MSE A 368 -4.47 16.17 -5.89
SE MSE A 368 -3.66 15.18 -4.42
CE MSE A 368 -2.64 16.62 -3.62
N MSE A 369 -2.13 16.92 -9.81
CA MSE A 369 -0.95 17.34 -10.57
C MSE A 369 -1.24 18.15 -11.83
O MSE A 369 -0.32 18.66 -12.47
CB MSE A 369 -0.12 16.11 -10.92
CG MSE A 369 0.50 15.46 -9.70
SE MSE A 369 1.24 13.71 -10.01
CE MSE A 369 1.35 13.16 -8.17
N GLY A 370 -2.52 18.27 -12.18
CA GLY A 370 -2.90 19.02 -13.36
C GLY A 370 -3.15 18.17 -14.59
N PHE A 371 -3.32 16.87 -14.41
CA PHE A 371 -3.54 15.96 -15.54
C PHE A 371 -4.86 15.21 -15.47
N SER A 372 -5.90 15.87 -14.97
CA SER A 372 -7.22 15.26 -14.85
C SER A 372 -7.72 14.72 -16.20
N LYS A 373 -7.48 15.45 -17.27
CA LYS A 373 -7.94 15.03 -18.60
C LYS A 373 -7.24 13.78 -19.11
N GLU A 374 -6.11 13.42 -18.49
CA GLU A 374 -5.34 12.25 -18.91
C GLU A 374 -5.74 10.95 -18.22
N ILE A 375 -6.67 11.01 -17.27
CA ILE A 375 -7.10 9.80 -16.58
C ILE A 375 -7.92 8.97 -17.57
N PRO A 376 -7.51 7.72 -17.82
CA PRO A 376 -8.23 6.85 -18.75
C PRO A 376 -9.68 6.61 -18.33
N GLU A 377 -10.54 6.33 -19.30
CA GLU A 377 -11.94 6.06 -19.02
C GLU A 377 -12.03 4.72 -18.28
N THR A 378 -10.97 3.93 -18.35
CA THR A 378 -10.92 2.62 -17.72
C THR A 378 -10.72 2.69 -16.19
N VAL A 379 -10.28 3.84 -15.69
CA VAL A 379 -10.06 3.99 -14.25
C VAL A 379 -11.38 3.98 -13.49
N GLN A 380 -11.45 3.15 -12.45
CA GLN A 380 -12.67 2.98 -11.65
C GLN A 380 -12.63 3.57 -10.24
N THR A 381 -11.43 3.79 -9.70
CA THR A 381 -11.31 4.30 -8.34
C THR A 381 -11.70 5.78 -8.16
N PHE A 382 -11.84 6.20 -6.90
CA PHE A 382 -12.26 7.58 -6.59
C PHE A 382 -11.23 8.68 -6.81
N ASP A 383 -11.65 9.75 -7.47
CA ASP A 383 -10.80 10.91 -7.70
C ASP A 383 -11.13 11.82 -6.52
N LEU A 384 -10.28 11.81 -5.50
CA LEU A 384 -10.52 12.61 -4.30
C LEU A 384 -9.61 13.83 -4.24
N SER A 385 -9.15 14.29 -5.39
CA SER A 385 -8.24 15.43 -5.45
C SER A 385 -8.76 16.69 -4.72
N ASN A 386 -10.03 17.02 -4.92
CA ASN A 386 -10.59 18.20 -4.27
C ASN A 386 -10.60 18.03 -2.76
N GLU A 387 -11.05 16.87 -2.30
CA GLU A 387 -11.11 16.56 -0.88
C GLU A 387 -9.71 16.65 -0.26
N VAL A 388 -8.72 16.08 -0.93
CA VAL A 388 -7.36 16.10 -0.42
C VAL A 388 -6.80 17.53 -0.35
N LEU A 389 -6.99 18.29 -1.42
CA LEU A 389 -6.49 19.66 -1.48
C LEU A 389 -7.14 20.64 -0.50
N THR A 390 -8.47 20.60 -0.44
CA THR A 390 -9.21 21.52 0.43
C THR A 390 -9.51 21.01 1.83
N GLY A 391 -9.61 19.70 1.97
CA GLY A 391 -9.94 19.14 3.28
C GLY A 391 -11.44 18.99 3.39
N LYS A 392 -12.14 19.32 2.31
CA LYS A 392 -13.60 19.21 2.27
C LYS A 392 -13.94 17.74 2.42
N ASN A 393 -14.75 17.41 3.42
CA ASN A 393 -15.12 16.03 3.68
C ASN A 393 -16.07 15.45 2.63
N LYS A 394 -16.15 14.13 2.62
CA LYS A 394 -17.03 13.39 1.72
C LYS A 394 -17.64 12.30 2.59
N LYS A 395 -18.53 12.70 3.48
CA LYS A 395 -19.20 11.80 4.42
C LYS A 395 -19.87 10.57 3.82
N ASP A 396 -20.25 10.65 2.55
CA ASP A 396 -20.91 9.52 1.91
C ASP A 396 -19.93 8.51 1.32
N LEU A 397 -18.64 8.76 1.49
CA LEU A 397 -17.63 7.86 0.93
C LEU A 397 -17.61 6.51 1.62
N VAL A 398 -17.76 5.47 0.81
CA VAL A 398 -17.74 4.09 1.27
C VAL A 398 -16.77 3.34 0.37
N GLN A 399 -15.87 2.57 0.98
CA GLN A 399 -14.88 1.82 0.22
C GLN A 399 -15.18 0.33 0.22
N PRO A 400 -14.84 -0.36 -0.88
CA PRO A 400 -15.10 -1.80 -1.00
C PRO A 400 -14.02 -2.66 -0.33
N TYR A 401 -14.33 -3.95 -0.19
CA TYR A 401 -13.40 -4.93 0.36
C TYR A 401 -13.39 -6.10 -0.60
N TYR A 402 -12.22 -6.69 -0.83
CA TYR A 402 -12.11 -7.81 -1.76
C TYR A 402 -11.24 -8.98 -1.34
N PHE A 403 -11.64 -10.15 -1.81
CA PHE A 403 -10.89 -11.38 -1.71
C PHE A 403 -11.40 -12.16 -2.91
N VAL A 404 -10.51 -12.42 -3.86
CA VAL A 404 -10.88 -13.16 -5.06
C VAL A 404 -10.05 -14.43 -5.15
N LYS A 405 -10.71 -15.58 -5.29
CA LYS A 405 -9.98 -16.83 -5.41
C LYS A 405 -9.46 -16.80 -6.85
N PHE A 406 -8.14 -16.73 -7.01
CA PHE A 406 -7.54 -16.62 -8.33
C PHE A 406 -7.96 -17.65 -9.37
N ASP A 407 -8.19 -18.88 -8.95
CA ASP A 407 -8.58 -19.94 -9.89
C ASP A 407 -10.08 -20.21 -9.97
N ASN A 408 -10.88 -19.36 -9.32
CA ASN A 408 -12.34 -19.50 -9.34
C ASN A 408 -12.97 -18.22 -8.80
N HIS A 409 -13.21 -17.26 -9.69
CA HIS A 409 -13.78 -15.99 -9.27
C HIS A 409 -15.16 -16.07 -8.63
N ALA A 410 -15.83 -17.22 -8.77
CA ALA A 410 -17.15 -17.39 -8.16
C ALA A 410 -17.06 -17.64 -6.67
N THR A 411 -15.84 -17.69 -6.15
CA THR A 411 -15.61 -17.93 -4.73
C THR A 411 -14.81 -16.77 -4.16
N GLY A 412 -15.20 -16.29 -2.98
CA GLY A 412 -14.49 -15.20 -2.36
C GLY A 412 -15.37 -14.28 -1.54
N TYR A 413 -14.82 -13.12 -1.20
CA TYR A 413 -15.52 -12.11 -0.42
C TYR A 413 -15.69 -10.81 -1.18
N ARG A 414 -16.77 -10.10 -0.87
CA ARG A 414 -17.01 -8.77 -1.39
C ARG A 414 -17.62 -8.04 -0.21
N GLY A 415 -17.21 -6.80 0.00
CA GLY A 415 -17.76 -6.08 1.14
C GLY A 415 -17.68 -4.57 0.99
N LEU A 416 -18.11 -3.89 2.04
CA LEU A 416 -18.11 -2.44 2.08
C LEU A 416 -17.67 -1.98 3.47
N ARG A 417 -16.98 -0.85 3.51
CA ARG A 417 -16.53 -0.27 4.78
C ARG A 417 -17.05 1.15 4.83
N THR A 418 -17.97 1.43 5.75
CA THR A 418 -18.50 2.78 5.90
C THR A 418 -17.76 3.38 7.09
N ASP A 419 -18.00 4.65 7.39
CA ASP A 419 -17.33 5.28 8.52
C ASP A 419 -17.69 4.64 9.85
N ARG A 420 -18.66 3.73 9.85
CA ARG A 420 -19.07 3.06 11.08
C ARG A 420 -19.12 1.54 11.00
N TYR A 421 -19.57 1.01 9.86
CA TYR A 421 -19.70 -0.43 9.68
C TYR A 421 -18.76 -1.07 8.66
N THR A 422 -18.46 -2.35 8.89
CA THR A 422 -17.67 -3.14 7.94
C THR A 422 -18.60 -4.30 7.64
N TYR A 423 -19.02 -4.41 6.38
CA TYR A 423 -19.93 -5.46 5.94
C TYR A 423 -19.27 -6.30 4.87
N ALA A 424 -19.46 -7.62 4.93
CA ALA A 424 -18.88 -8.50 3.94
C ALA A 424 -19.72 -9.75 3.76
N VAL A 425 -19.74 -10.25 2.53
CA VAL A 425 -20.47 -11.47 2.24
C VAL A 425 -19.49 -12.43 1.57
N HIS A 426 -19.64 -13.71 1.83
CA HIS A 426 -18.78 -14.70 1.22
C HIS A 426 -19.61 -15.58 0.30
N ALA A 427 -18.99 -16.01 -0.79
CA ALA A 427 -19.68 -16.87 -1.74
C ALA A 427 -18.77 -18.02 -2.12
N THR A 428 -19.38 -19.17 -2.38
CA THR A 428 -18.64 -20.35 -2.81
C THR A 428 -19.38 -20.80 -4.06
N ASP A 429 -18.66 -20.82 -5.19
CA ASP A 429 -19.24 -21.20 -6.47
C ASP A 429 -20.51 -20.44 -6.82
N GLY A 430 -20.52 -19.13 -6.54
CA GLY A 430 -21.67 -18.30 -6.87
C GLY A 430 -22.83 -18.27 -5.90
N LYS A 431 -22.68 -18.89 -4.73
CA LYS A 431 -23.76 -18.91 -3.74
C LYS A 431 -23.30 -18.31 -2.41
N ILE A 432 -24.01 -17.28 -1.94
CA ILE A 432 -23.65 -16.62 -0.68
C ILE A 432 -23.58 -17.65 0.45
N ASP A 433 -22.40 -17.69 1.06
CA ASP A 433 -22.03 -18.63 2.11
C ASP A 433 -21.99 -18.10 3.55
N ASN A 434 -21.78 -16.79 3.69
CA ASN A 434 -21.68 -16.20 5.02
C ASN A 434 -21.92 -14.71 4.92
N VAL A 435 -22.39 -14.11 6.02
CA VAL A 435 -22.66 -12.69 6.08
C VAL A 435 -22.01 -12.18 7.35
N ILE A 436 -21.20 -11.12 7.22
CA ILE A 436 -20.49 -10.55 8.35
C ILE A 436 -20.77 -9.06 8.47
N LEU A 437 -21.03 -8.60 9.69
CA LEU A 437 -21.29 -7.19 9.93
C LEU A 437 -20.73 -6.77 11.27
N PHE A 438 -19.90 -5.73 11.27
CA PHE A 438 -19.31 -5.22 12.50
C PHE A 438 -19.67 -3.75 12.66
N ASP A 439 -20.05 -3.37 13.88
CA ASP A 439 -20.37 -1.99 14.20
C ASP A 439 -19.09 -1.51 14.90
N ARG A 440 -18.24 -0.80 14.17
CA ARG A 440 -16.97 -0.35 14.73
C ARG A 440 -17.06 0.71 15.82
N THR A 441 -18.22 1.35 15.96
CA THR A 441 -18.41 2.36 16.99
C THR A 441 -18.54 1.69 18.35
N ASN A 442 -19.45 0.72 18.46
CA ASN A 442 -19.67 0.01 19.71
C ASN A 442 -18.74 -1.19 19.87
N ASP A 443 -18.18 -1.64 18.75
CA ASP A 443 -17.30 -2.80 18.73
C ASP A 443 -16.10 -2.48 17.84
N PRO A 444 -15.23 -1.55 18.29
CA PRO A 444 -14.05 -1.15 17.52
C PRO A 444 -13.06 -2.26 17.18
N HIS A 445 -12.97 -3.27 18.02
CA HIS A 445 -12.03 -4.37 17.77
C HIS A 445 -12.69 -5.52 17.01
N GLU A 446 -13.87 -5.24 16.47
CA GLU A 446 -14.63 -6.21 15.67
C GLU A 446 -14.65 -7.63 16.22
N MSE A 447 -15.32 -7.80 17.36
CA MSE A 447 -15.43 -9.09 18.02
C MSE A 447 -16.83 -9.69 17.89
O MSE A 447 -17.01 -10.88 18.12
CB MSE A 447 -15.10 -8.94 19.52
CG MSE A 447 -13.77 -8.30 19.82
SE MSE A 447 -12.28 -9.35 19.16
CE MSE A 447 -12.39 -10.83 20.42
N ASN A 448 -17.81 -8.86 17.54
CA ASN A 448 -19.19 -9.32 17.44
C ASN A 448 -19.79 -9.20 16.05
N ASN A 449 -19.97 -10.34 15.38
CA ASN A 449 -20.59 -10.32 14.06
C ASN A 449 -22.07 -10.18 14.37
N ILE A 450 -22.64 -9.02 14.08
CA ILE A 450 -24.05 -8.78 14.37
C ILE A 450 -24.98 -8.88 13.17
N ALA A 451 -24.50 -9.49 12.09
CA ALA A 451 -25.31 -9.63 10.88
C ALA A 451 -26.68 -10.28 11.14
N SER A 452 -26.69 -11.36 11.91
CA SER A 452 -27.93 -12.07 12.21
C SER A 452 -28.86 -11.28 13.13
N GLN A 453 -28.30 -10.24 13.76
CA GLN A 453 -29.07 -9.41 14.69
C GLN A 453 -29.56 -8.12 14.04
N GLN A 454 -29.05 -7.81 12.85
CA GLN A 454 -29.44 -6.59 12.14
C GLN A 454 -29.89 -6.88 10.71
N LEU A 455 -30.98 -7.63 10.58
CA LEU A 455 -31.50 -8.00 9.26
C LEU A 455 -31.81 -6.79 8.36
N LYS A 456 -32.39 -5.75 8.96
CA LYS A 456 -32.74 -4.55 8.19
C LYS A 456 -31.50 -3.89 7.61
N LEU A 457 -30.49 -3.71 8.45
CA LEU A 457 -29.25 -3.08 8.05
C LEU A 457 -28.52 -3.93 7.01
N THR A 458 -28.50 -5.24 7.22
CA THR A 458 -27.85 -6.16 6.30
C THR A 458 -28.49 -6.08 4.92
N HIS A 459 -29.81 -5.94 4.88
CA HIS A 459 -30.52 -5.85 3.61
C HIS A 459 -30.13 -4.57 2.87
N THR A 460 -29.94 -3.49 3.63
CA THR A 460 -29.55 -2.21 3.05
C THR A 460 -28.16 -2.31 2.44
N PHE A 461 -27.22 -2.88 3.19
CA PHE A 461 -25.85 -3.03 2.69
C PHE A 461 -25.83 -3.99 1.50
N ASN A 462 -26.73 -4.97 1.51
CA ASN A 462 -26.80 -5.94 0.43
C ASN A 462 -27.09 -5.26 -0.92
N ARG A 463 -28.10 -4.40 -0.97
CA ARG A 463 -28.40 -3.73 -2.23
C ARG A 463 -27.29 -2.75 -2.58
N GLN A 464 -26.71 -2.13 -1.56
CA GLN A 464 -25.62 -1.18 -1.78
C GLN A 464 -24.41 -1.90 -2.38
N LEU A 465 -24.13 -3.10 -1.89
CA LEU A 465 -22.99 -3.88 -2.38
C LEU A 465 -23.27 -4.32 -3.83
N LYS A 466 -24.48 -4.80 -4.07
CA LYS A 466 -24.85 -5.25 -5.41
C LYS A 466 -24.69 -4.11 -6.41
N THR A 467 -25.16 -2.93 -6.04
CA THR A 467 -25.06 -1.76 -6.91
C THR A 467 -23.59 -1.45 -7.20
N TRP A 468 -22.75 -1.57 -6.18
CA TRP A 468 -21.32 -1.32 -6.32
C TRP A 468 -20.68 -2.33 -7.27
N LEU A 469 -21.01 -3.61 -7.09
CA LEU A 469 -20.44 -4.64 -7.94
C LEU A 469 -20.91 -4.48 -9.39
N GLU A 470 -22.15 -4.05 -9.60
CA GLU A 470 -22.65 -3.86 -10.95
C GLU A 470 -21.94 -2.67 -11.62
N LYS A 471 -21.72 -1.62 -10.84
CA LYS A 471 -21.06 -0.41 -11.33
C LYS A 471 -19.62 -0.70 -11.77
N THR A 472 -18.96 -1.62 -11.08
CA THR A 472 -17.58 -1.97 -11.38
C THR A 472 -17.43 -3.19 -12.31
N ASN A 473 -18.53 -3.63 -12.91
CA ASN A 473 -18.51 -4.76 -13.84
C ASN A 473 -17.85 -5.99 -13.21
N ASP A 474 -18.33 -6.34 -12.02
CA ASP A 474 -17.82 -7.48 -11.27
C ASP A 474 -18.90 -8.57 -11.27
N PRO A 475 -18.63 -9.71 -11.91
CA PRO A 475 -19.60 -10.83 -11.98
C PRO A 475 -20.19 -11.28 -10.65
N PHE A 476 -19.49 -10.99 -9.54
CA PHE A 476 -19.93 -11.37 -8.20
C PHE A 476 -21.30 -10.73 -7.89
N ALA A 477 -21.61 -9.63 -8.57
CA ALA A 477 -22.88 -8.92 -8.36
C ALA A 477 -24.08 -9.85 -8.56
N GLN A 478 -23.95 -10.78 -9.50
CA GLN A 478 -25.05 -11.71 -9.80
C GLN A 478 -25.38 -12.71 -8.69
N TYR A 479 -24.48 -12.85 -7.71
CA TYR A 479 -24.71 -13.79 -6.62
C TYR A 479 -25.60 -13.23 -5.52
N ILE A 480 -25.70 -11.91 -5.44
CA ILE A 480 -26.54 -11.26 -4.44
C ILE A 480 -27.97 -11.27 -4.97
N LYS A 481 -28.80 -12.15 -4.43
CA LYS A 481 -30.18 -12.25 -4.88
C LYS A 481 -31.10 -11.28 -4.15
N LEU A 482 -31.62 -10.30 -4.89
CA LEU A 482 -32.52 -9.30 -4.33
C LEU A 482 -33.87 -9.94 -4.02
#